data_3H2M
#
_entry.id   3H2M
#
_cell.length_a   99.155
_cell.length_b   99.155
_cell.length_c   262.077
_cell.angle_alpha   90.00
_cell.angle_beta   90.00
_cell.angle_gamma   120.00
#
_symmetry.space_group_name_H-M   'P 62 2 2'
#
loop_
_entity.id
_entity.type
_entity.pdbx_description
1 polymer 'Dihydropteroate synthase'
2 non-polymer 2-amino-6-(2-hydroxy-2-methylpropyl)-8-methyl-7,8-dihydropteridin-4(3H)-one
3 non-polymer 'SULFATE ION'
4 water water
#
_entity_poly.entity_id   1
_entity_poly.type   'polypeptide(L)'
_entity_poly.pdbx_seq_one_letter_code
;MGSSHHHHHHSSGLVPRGSHMKWDYDLRCGEYTLNLNEKTLIMGILNVTPDSFSDGGSYNEVDAAVRHAKEMRDEGAHII
DIGGESTRPGFAKVSVEEEIKRVVPMIQAVSKEVKLPISIDTYKAEVAKQAIEAGAHIINDIWGAKAEPKIAEVAAHYDV
PIILMHNRDNMNYRNLMADMIADLYDSIKIAKDAGVRDENIILDPGIGFAKTPEQNLEAMRNLEQLNVLGYPVLLGTSRK
SFIGHVLDLPVEERLEGTGATVCLGIEKGCEFVRVHDVKEMSRMAKMMDAMIGKGVK
;
_entity_poly.pdbx_strand_id   A,B
#
# COMPACT_ATOMS: atom_id res chain seq x y z
N MET A 21 29.04 29.30 -4.42
CA MET A 21 29.59 30.11 -5.56
C MET A 21 28.57 30.73 -6.57
N LYS A 22 27.84 29.93 -7.34
CA LYS A 22 26.91 30.52 -8.36
C LYS A 22 25.55 30.91 -7.82
N TRP A 23 25.01 30.13 -6.89
CA TRP A 23 23.72 30.51 -6.27
C TRP A 23 23.95 31.00 -4.84
N ASP A 24 23.36 32.14 -4.48
CA ASP A 24 23.65 32.69 -3.17
C ASP A 24 22.55 32.34 -2.20
N TYR A 25 21.70 31.42 -2.64
CA TYR A 25 20.66 30.86 -1.80
C TYR A 25 20.43 29.38 -2.13
N ASP A 26 19.76 28.70 -1.19
CA ASP A 26 19.23 27.35 -1.41
C ASP A 26 17.74 27.36 -1.70
N LEU A 27 17.26 26.37 -2.47
CA LEU A 27 15.84 26.19 -2.62
C LEU A 27 15.29 25.69 -1.32
N ARG A 28 14.42 26.49 -0.73
CA ARG A 28 13.73 26.12 0.49
C ARG A 28 12.44 25.39 0.07
N CYS A 29 12.36 24.10 0.36
CA CYS A 29 11.16 23.28 0.22
C CYS A 29 10.56 22.78 1.57
N GLY A 30 10.09 23.70 2.41
CA GLY A 30 9.46 23.37 3.71
C GLY A 30 10.47 22.66 4.57
N GLU A 31 10.25 21.38 4.81
CA GLU A 31 11.19 20.57 5.64
C GLU A 31 12.53 20.21 4.94
N TYR A 32 12.60 20.32 3.62
CA TYR A 32 13.80 19.92 2.88
C TYR A 32 14.44 21.14 2.22
N THR A 33 15.76 21.11 2.05
CA THR A 33 16.45 22.20 1.39
C THR A 33 17.35 21.62 0.32
N LEU A 34 17.34 22.20 -0.88
CA LEU A 34 18.20 21.82 -1.98
C LEU A 34 19.27 22.88 -2.23
N ASN A 35 20.52 22.47 -2.13
CA ASN A 35 21.65 23.26 -2.49
C ASN A 35 21.83 23.22 -4.03
N LEU A 36 21.79 24.41 -4.64
CA LEU A 36 21.91 24.55 -6.07
C LEU A 36 23.33 24.47 -6.63
N ASN A 37 24.31 24.43 -5.73
CA ASN A 37 25.74 24.50 -6.11
C ASN A 37 26.51 23.19 -5.96
N GLU A 38 26.10 22.37 -5.03
CA GLU A 38 26.69 21.08 -4.72
C GLU A 38 26.75 20.16 -5.99
N LYS A 39 25.60 19.95 -6.61
CA LYS A 39 25.47 18.83 -7.53
C LYS A 39 24.25 19.10 -8.37
N THR A 40 24.15 18.46 -9.53
CA THR A 40 22.91 18.43 -10.30
C THR A 40 21.81 17.67 -9.56
N LEU A 41 20.67 18.31 -9.37
CA LEU A 41 19.61 17.69 -8.64
C LEU A 41 18.74 16.83 -9.56
N ILE A 42 18.60 15.55 -9.27
CA ILE A 42 17.81 14.64 -10.08
C ILE A 42 16.34 14.67 -9.65
N MET A 43 15.48 15.13 -10.55
CA MET A 43 14.03 14.88 -10.37
C MET A 43 13.53 13.59 -11.03
N GLY A 44 13.00 12.71 -10.21
CA GLY A 44 12.60 11.39 -10.68
C GLY A 44 11.13 11.41 -11.02
N ILE A 45 10.79 10.84 -12.17
CA ILE A 45 9.41 10.85 -12.67
C ILE A 45 8.64 9.67 -12.15
N LEU A 46 7.68 9.97 -11.27
CA LEU A 46 6.89 8.91 -10.66
C LEU A 46 6.01 8.30 -11.70
N ASN A 47 6.09 7.00 -11.88
CA ASN A 47 5.11 6.49 -12.80
C ASN A 47 3.83 6.18 -12.05
N VAL A 48 2.72 6.49 -12.70
CA VAL A 48 1.51 6.78 -11.96
C VAL A 48 0.26 5.95 -12.40
N THR A 49 0.48 4.89 -13.19
CA THR A 49 -0.57 3.95 -13.67
C THR A 49 -1.82 3.86 -12.77
N PRO A 50 -2.94 4.49 -13.18
CA PRO A 50 -4.18 4.37 -12.39
C PRO A 50 -4.79 2.96 -12.35
N ASP A 51 -5.63 2.71 -11.35
CA ASP A 51 -6.48 1.54 -11.31
C ASP A 51 -7.68 1.76 -12.25
N SER A 52 -8.08 0.73 -13.01
CA SER A 52 -9.13 0.93 -14.02
C SER A 52 -10.54 0.91 -13.45
N PHE A 53 -10.65 0.40 -12.21
CA PHE A 53 -11.94 0.28 -11.55
C PHE A 53 -12.03 1.18 -10.31
N SER A 54 -11.31 2.29 -10.30
CA SER A 54 -11.26 3.12 -9.11
C SER A 54 -11.15 4.62 -9.37
N ASP A 55 -11.53 5.37 -8.33
CA ASP A 55 -11.69 6.81 -8.36
C ASP A 55 -10.47 7.45 -7.72
N GLY A 56 -9.34 6.73 -7.66
CA GLY A 56 -8.11 7.15 -6.96
C GLY A 56 -8.05 6.52 -5.57
N GLY A 57 -6.83 6.47 -4.98
CA GLY A 57 -6.61 6.06 -3.58
C GLY A 57 -6.54 4.56 -3.27
N SER A 58 -6.74 3.77 -4.31
CA SER A 58 -6.74 2.34 -4.22
C SER A 58 -5.38 1.70 -3.85
N TYR A 59 -5.38 0.49 -3.25
CA TYR A 59 -4.13 0.04 -2.66
C TYR A 59 -3.15 -0.36 -3.71
N ASN A 60 -3.54 -1.02 -4.74
CA ASN A 60 -2.58 -1.41 -5.87
C ASN A 60 -1.88 -0.25 -6.42
N GLU A 61 -2.61 0.81 -6.73
CA GLU A 61 -1.98 1.98 -7.41
C GLU A 61 -1.17 2.92 -6.49
N VAL A 62 -1.62 3.12 -5.24
CA VAL A 62 -0.83 3.80 -4.23
C VAL A 62 0.42 3.05 -3.83
N ASP A 63 0.31 1.77 -3.56
CA ASP A 63 1.49 0.99 -3.22
C ASP A 63 2.53 0.94 -4.44
N ALA A 64 2.08 1.09 -5.74
CA ALA A 64 3.06 0.90 -6.79
C ALA A 64 3.84 2.23 -6.96
N ALA A 65 3.19 3.34 -6.62
CA ALA A 65 3.76 4.62 -6.59
C ALA A 65 4.82 4.75 -5.50
N VAL A 66 4.46 4.42 -4.29
CA VAL A 66 5.36 4.43 -3.13
C VAL A 66 6.59 3.50 -3.39
N ARG A 67 6.33 2.24 -3.84
CA ARG A 67 7.45 1.37 -4.15
C ARG A 67 8.35 1.99 -5.22
N HIS A 68 7.76 2.62 -6.22
CA HIS A 68 8.55 3.26 -7.25
C HIS A 68 9.31 4.49 -6.76
N ALA A 69 8.68 5.31 -5.91
CA ALA A 69 9.34 6.44 -5.29
C ALA A 69 10.50 5.99 -4.39
N LYS A 70 10.32 4.91 -3.65
CA LYS A 70 11.35 4.33 -2.82
C LYS A 70 12.51 3.83 -3.66
N GLU A 71 12.24 3.12 -4.74
CA GLU A 71 13.27 2.73 -5.69
C GLU A 71 14.00 3.95 -6.22
N MET A 72 13.29 5.02 -6.55
CA MET A 72 14.01 6.17 -7.09
C MET A 72 14.78 6.92 -6.00
N ARG A 73 14.22 7.09 -4.81
CA ARG A 73 14.99 7.57 -3.66
C ARG A 73 16.29 6.78 -3.55
N ASP A 74 16.23 5.47 -3.56
CA ASP A 74 17.43 4.64 -3.45
C ASP A 74 18.38 4.74 -4.64
N GLU A 75 17.89 5.17 -5.79
CA GLU A 75 18.78 5.24 -6.98
C GLU A 75 19.47 6.59 -7.18
N GLY A 76 19.11 7.56 -6.36
CA GLY A 76 19.74 8.88 -6.35
C GLY A 76 18.84 10.07 -6.64
N ALA A 77 17.53 9.84 -6.62
CA ALA A 77 16.60 10.95 -6.86
C ALA A 77 16.66 12.01 -5.74
N HIS A 78 16.52 13.29 -6.08
CA HIS A 78 16.50 14.34 -5.06
C HIS A 78 15.11 14.89 -4.85
N ILE A 79 14.24 14.61 -5.81
CA ILE A 79 12.89 15.18 -5.90
C ILE A 79 12.05 14.11 -6.59
N ILE A 80 10.82 13.93 -6.12
CA ILE A 80 9.85 13.07 -6.79
C ILE A 80 8.79 13.93 -7.44
N ASP A 81 8.64 13.76 -8.76
CA ASP A 81 7.63 14.49 -9.53
C ASP A 81 6.34 13.66 -9.73
N ILE A 82 5.20 14.21 -9.35
CA ILE A 82 3.91 13.42 -9.29
C ILE A 82 2.82 14.09 -10.13
N GLY A 83 2.30 13.41 -11.13
CA GLY A 83 1.28 14.02 -11.98
C GLY A 83 -0.09 13.40 -11.92
N GLY A 84 -1.12 14.25 -11.99
CA GLY A 84 -2.52 13.77 -12.04
C GLY A 84 -2.97 13.13 -13.36
N GLU A 85 -2.34 13.57 -14.47
CA GLU A 85 -2.60 13.12 -15.86
C GLU A 85 -1.31 12.98 -16.72
N SER A 86 -1.04 11.80 -17.27
CA SER A 86 0.11 11.57 -18.20
C SER A 86 -0.37 11.13 -19.58
N PHE A 91 -4.09 6.76 -17.93
CA PHE A 91 -4.85 6.12 -19.02
C PHE A 91 -6.19 6.85 -19.25
N ALA A 92 -7.12 6.71 -18.29
CA ALA A 92 -8.53 7.17 -18.44
C ALA A 92 -8.68 8.70 -18.32
N LYS A 93 -9.59 9.30 -19.10
CA LYS A 93 -9.81 10.78 -19.04
C LYS A 93 -10.42 11.15 -17.69
N VAL A 94 -9.84 12.16 -17.04
CA VAL A 94 -10.33 12.65 -15.74
C VAL A 94 -10.72 14.15 -15.71
N SER A 95 -11.67 14.47 -14.84
CA SER A 95 -11.98 15.86 -14.51
C SER A 95 -10.96 16.40 -13.51
N VAL A 96 -10.99 17.72 -13.29
CA VAL A 96 -10.20 18.36 -12.23
C VAL A 96 -10.44 17.67 -10.89
N GLU A 97 -11.71 17.37 -10.62
CA GLU A 97 -12.16 16.67 -9.44
C GLU A 97 -11.58 15.28 -9.35
N GLU A 98 -11.58 14.57 -10.48
CA GLU A 98 -11.02 13.22 -10.54
C GLU A 98 -9.48 13.24 -10.50
N GLU A 99 -8.85 14.26 -11.10
CA GLU A 99 -7.40 14.46 -11.01
C GLU A 99 -6.94 14.69 -9.56
N ILE A 100 -7.73 15.42 -8.79
CA ILE A 100 -7.45 15.61 -7.35
C ILE A 100 -7.53 14.30 -6.56
N LYS A 101 -8.57 13.50 -6.79
CA LYS A 101 -8.74 12.24 -6.08
C LYS A 101 -7.63 11.22 -6.40
N ARG A 102 -7.02 11.28 -7.59
CA ARG A 102 -5.87 10.41 -7.88
C ARG A 102 -4.64 10.89 -7.18
N VAL A 103 -4.34 12.15 -7.35
CA VAL A 103 -3.03 12.62 -7.00
C VAL A 103 -2.89 12.85 -5.47
N VAL A 104 -3.99 13.21 -4.80
CA VAL A 104 -3.89 13.59 -3.41
C VAL A 104 -3.47 12.38 -2.53
N PRO A 105 -4.11 11.16 -2.69
CA PRO A 105 -3.66 10.01 -1.93
C PRO A 105 -2.25 9.59 -2.15
N MET A 106 -1.69 9.90 -3.33
CA MET A 106 -0.38 9.38 -3.65
C MET A 106 0.65 10.28 -3.03
N ILE A 107 0.40 11.60 -3.11
CA ILE A 107 1.19 12.62 -2.41
C ILE A 107 1.25 12.37 -0.88
N GLN A 108 0.13 12.01 -0.28
CA GLN A 108 0.11 11.69 1.15
C GLN A 108 0.93 10.44 1.49
N ALA A 109 0.76 9.37 0.72
CA ALA A 109 1.58 8.18 0.90
C ALA A 109 3.09 8.37 0.62
N VAL A 110 3.45 9.05 -0.50
CA VAL A 110 4.83 9.16 -0.88
C VAL A 110 5.53 10.06 0.13
N SER A 111 4.89 11.16 0.54
CA SER A 111 5.50 12.10 1.46
C SER A 111 5.65 11.59 2.87
N LYS A 112 4.73 10.72 3.30
CA LYS A 112 4.85 10.00 4.55
C LYS A 112 6.00 9.04 4.43
N GLU A 113 6.03 8.30 3.34
CA GLU A 113 6.93 7.14 3.30
C GLU A 113 8.31 7.31 2.69
N VAL A 114 8.51 8.39 1.95
CA VAL A 114 9.76 8.70 1.27
C VAL A 114 10.21 10.14 1.63
N LYS A 115 11.36 10.28 2.29
CA LYS A 115 11.85 11.58 2.73
C LYS A 115 12.59 12.36 1.62
N LEU A 116 11.85 12.91 0.67
CA LEU A 116 12.36 13.67 -0.51
C LEU A 116 11.29 14.70 -0.81
N PRO A 117 11.68 15.91 -1.30
CA PRO A 117 10.63 16.84 -1.72
C PRO A 117 9.83 16.31 -2.90
N ILE A 118 8.54 16.66 -2.92
CA ILE A 118 7.66 16.27 -3.99
C ILE A 118 7.29 17.52 -4.78
N SER A 119 7.34 17.39 -6.13
CA SER A 119 6.75 18.33 -7.05
C SER A 119 5.45 17.78 -7.62
N ILE A 120 4.48 18.67 -7.77
CA ILE A 120 3.16 18.29 -8.24
C ILE A 120 3.12 18.86 -9.64
N ASP A 121 2.95 17.94 -10.59
CA ASP A 121 2.97 18.22 -12.02
C ASP A 121 1.56 18.59 -12.43
N THR A 122 1.23 19.88 -12.42
CA THR A 122 -0.07 20.35 -12.84
C THR A 122 0.03 21.78 -13.38
N TYR A 123 -0.93 22.21 -14.19
CA TYR A 123 -1.05 23.62 -14.61
C TYR A 123 -2.34 24.23 -14.05
N LYS A 124 -3.04 23.49 -13.19
CA LYS A 124 -4.34 23.90 -12.67
C LYS A 124 -4.20 24.40 -11.23
N ALA A 125 -4.82 25.55 -10.95
CA ALA A 125 -4.66 26.19 -9.63
C ALA A 125 -5.18 25.36 -8.46
N GLU A 126 -6.34 24.75 -8.64
CA GLU A 126 -7.01 23.99 -7.58
C GLU A 126 -6.31 22.64 -7.31
N VAL A 127 -5.84 22.01 -8.39
CA VAL A 127 -5.02 20.83 -8.27
C VAL A 127 -3.74 21.19 -7.52
N ALA A 128 -3.10 22.31 -7.85
CA ALA A 128 -1.87 22.68 -7.16
C ALA A 128 -2.11 22.92 -5.67
N LYS A 129 -3.22 23.56 -5.34
CA LYS A 129 -3.60 23.87 -3.96
C LYS A 129 -3.76 22.63 -3.10
N GLN A 130 -4.64 21.70 -3.50
CA GLN A 130 -4.79 20.42 -2.84
C GLN A 130 -3.51 19.60 -2.75
N ALA A 131 -2.71 19.62 -3.81
CA ALA A 131 -1.46 18.83 -3.80
C ALA A 131 -0.45 19.34 -2.74
N ILE A 132 -0.45 20.63 -2.51
CA ILE A 132 0.40 21.20 -1.48
C ILE A 132 -0.20 20.94 -0.08
N GLU A 133 -1.53 21.07 0.04
CA GLU A 133 -2.22 20.81 1.30
C GLU A 133 -2.09 19.36 1.63
N ALA A 134 -1.86 18.51 0.63
CA ALA A 134 -1.67 17.08 0.88
C ALA A 134 -0.21 16.72 1.06
N GLY A 135 0.72 17.70 0.96
CA GLY A 135 2.17 17.45 1.19
C GLY A 135 3.18 17.80 0.07
N ALA A 136 2.72 18.36 -1.07
CA ALA A 136 3.68 18.59 -2.16
C ALA A 136 4.43 19.88 -1.85
N HIS A 137 5.68 19.94 -2.32
CA HIS A 137 6.65 20.99 -1.95
C HIS A 137 6.92 21.98 -3.04
N ILE A 138 6.75 21.60 -4.30
CA ILE A 138 7.19 22.37 -5.46
C ILE A 138 6.06 22.26 -6.47
N ILE A 139 5.72 23.33 -7.15
CA ILE A 139 4.73 23.21 -8.23
C ILE A 139 5.47 23.08 -9.56
N ASN A 140 5.09 22.12 -10.38
CA ASN A 140 5.70 21.98 -11.68
C ASN A 140 4.69 22.27 -12.82
N ASP A 141 4.69 23.49 -13.36
CA ASP A 141 3.71 23.90 -14.37
C ASP A 141 4.21 23.84 -15.83
N ILE A 142 3.66 22.96 -16.64
CA ILE A 142 4.03 22.82 -18.07
C ILE A 142 3.49 23.99 -18.89
N TRP A 143 2.68 24.83 -18.26
CA TRP A 143 2.11 26.01 -18.97
C TRP A 143 2.64 27.31 -18.46
N GLY A 144 3.64 27.27 -17.58
CA GLY A 144 4.33 28.46 -17.10
C GLY A 144 3.37 29.52 -16.56
N ALA A 145 2.36 29.11 -15.75
CA ALA A 145 1.36 30.04 -15.16
C ALA A 145 0.46 30.70 -16.20
N LYS A 146 0.55 30.28 -17.46
CA LYS A 146 -0.24 30.89 -18.52
C LYS A 146 -1.66 30.30 -18.73
N ALA A 147 -1.82 28.99 -18.53
CA ALA A 147 -3.13 28.33 -18.64
C ALA A 147 -4.03 28.80 -17.53
N GLU A 148 -3.46 28.84 -16.33
CA GLU A 148 -4.23 29.20 -15.17
C GLU A 148 -3.39 30.05 -14.26
N PRO A 149 -3.38 31.37 -14.49
CA PRO A 149 -2.51 32.33 -13.80
C PRO A 149 -2.67 32.32 -12.30
N LYS A 150 -3.87 31.95 -11.84
CA LYS A 150 -4.18 31.85 -10.42
C LYS A 150 -3.27 30.83 -9.73
N ILE A 151 -2.62 29.94 -10.50
CA ILE A 151 -1.67 29.00 -9.93
C ILE A 151 -0.47 29.72 -9.34
N ALA A 152 -0.17 30.90 -9.82
CA ALA A 152 0.98 31.62 -9.33
C ALA A 152 0.60 32.18 -8.00
N GLU A 153 -0.69 32.52 -7.84
CA GLU A 153 -1.24 32.94 -6.54
C GLU A 153 -1.21 31.80 -5.54
N VAL A 154 -1.55 30.59 -5.99
CA VAL A 154 -1.29 29.42 -5.17
C VAL A 154 0.20 29.33 -4.76
N ALA A 155 1.14 29.41 -5.72
CA ALA A 155 2.55 29.34 -5.38
C ALA A 155 2.92 30.47 -4.40
N ALA A 156 2.47 31.69 -4.72
CA ALA A 156 2.70 32.87 -3.88
C ALA A 156 2.22 32.65 -2.41
N HIS A 157 0.97 32.21 -2.22
CA HIS A 157 0.43 31.94 -0.88
C HIS A 157 1.16 30.84 -0.06
N TYR A 158 1.29 29.63 -0.59
CA TYR A 158 2.05 28.61 0.12
C TYR A 158 3.58 28.85 0.16
N ASP A 159 4.13 29.75 -0.67
CA ASP A 159 5.54 30.11 -0.59
C ASP A 159 6.40 28.93 -1.07
N VAL A 160 5.86 28.22 -2.05
CA VAL A 160 6.57 27.09 -2.65
C VAL A 160 7.36 27.48 -3.91
N PRO A 161 8.46 26.73 -4.20
CA PRO A 161 9.07 26.85 -5.51
C PRO A 161 8.11 26.49 -6.63
N ILE A 162 8.17 27.20 -7.76
CA ILE A 162 7.30 26.88 -8.89
C ILE A 162 8.16 26.83 -10.16
N ILE A 163 8.07 25.74 -10.92
CA ILE A 163 8.76 25.63 -12.22
C ILE A 163 7.88 26.13 -13.33
N LEU A 164 8.36 27.12 -14.10
CA LEU A 164 7.64 27.72 -15.22
C LEU A 164 8.25 27.17 -16.49
N MET A 165 7.51 26.35 -17.22
CA MET A 165 8.10 25.67 -18.33
C MET A 165 7.68 26.45 -19.59
N HIS A 166 8.59 26.53 -20.56
CA HIS A 166 8.27 27.11 -21.84
C HIS A 166 7.19 26.25 -22.59
N ASN A 167 6.14 26.90 -23.01
CA ASN A 167 5.10 26.22 -23.79
C ASN A 167 4.33 27.28 -24.60
N ARG A 168 3.62 26.86 -25.64
CA ARG A 168 2.78 27.77 -26.40
C ARG A 168 1.92 26.92 -27.31
N ASP A 169 0.79 27.45 -27.75
CA ASP A 169 -0.14 26.70 -28.58
C ASP A 169 0.23 26.67 -30.07
N ASN A 170 1.44 27.12 -30.43
CA ASN A 170 1.89 27.17 -31.82
C ASN A 170 3.41 27.02 -31.92
N MET A 171 3.94 26.76 -33.12
CA MET A 171 5.40 26.75 -33.35
C MET A 171 5.83 27.86 -34.31
N ASN A 172 5.10 28.97 -34.29
CA ASN A 172 5.42 30.11 -35.12
C ASN A 172 6.48 31.05 -34.52
N TYR A 173 7.69 30.52 -34.38
CA TYR A 173 8.84 31.26 -33.95
C TYR A 173 9.39 32.15 -35.05
N ARG A 174 9.63 33.40 -34.70
CA ARG A 174 10.40 34.29 -35.49
C ARG A 174 11.85 33.90 -35.26
N ASN A 175 12.25 33.84 -33.98
CA ASN A 175 13.58 33.34 -33.62
C ASN A 175 13.50 32.55 -32.34
N LEU A 176 13.61 31.21 -32.50
CA LEU A 176 13.33 30.27 -31.42
C LEU A 176 13.82 30.74 -30.04
N MET A 177 15.10 31.03 -29.88
CA MET A 177 15.63 31.26 -28.54
C MET A 177 15.17 32.56 -27.95
N ALA A 178 15.16 33.57 -28.81
CA ALA A 178 14.70 34.89 -28.47
C ALA A 178 13.26 34.89 -28.01
N ASP A 179 12.45 34.11 -28.73
CA ASP A 179 11.04 33.90 -28.46
C ASP A 179 10.82 33.11 -27.20
N MET A 180 11.63 32.08 -26.98
CA MET A 180 11.55 31.21 -25.82
C MET A 180 11.83 32.00 -24.54
N ILE A 181 12.85 32.86 -24.57
CA ILE A 181 13.25 33.76 -23.49
C ILE A 181 12.22 34.85 -23.24
N ALA A 182 11.69 35.45 -24.33
CA ALA A 182 10.48 36.32 -24.26
C ALA A 182 9.32 35.62 -23.58
N ASP A 183 8.93 34.42 -24.05
CA ASP A 183 7.86 33.66 -23.42
C ASP A 183 8.15 33.30 -21.95
N LEU A 184 9.35 32.83 -21.64
CA LEU A 184 9.65 32.59 -20.22
C LEU A 184 9.47 33.85 -19.43
N TYR A 185 9.93 34.99 -19.96
CA TYR A 185 9.80 36.21 -19.26
C TYR A 185 8.34 36.60 -18.98
N ASP A 186 7.43 36.36 -19.93
CA ASP A 186 6.01 36.62 -19.69
C ASP A 186 5.50 35.77 -18.54
N SER A 187 6.07 34.57 -18.35
CA SER A 187 5.65 33.67 -17.25
C SER A 187 6.14 34.23 -15.92
N ILE A 188 7.38 34.74 -15.92
CA ILE A 188 8.04 35.28 -14.71
C ILE A 188 7.32 36.51 -14.21
N LYS A 189 6.88 37.37 -15.15
CA LYS A 189 6.04 38.54 -14.84
C LYS A 189 4.69 38.15 -14.19
N ILE A 190 4.02 37.12 -14.68
CA ILE A 190 2.80 36.61 -14.05
C ILE A 190 3.10 36.07 -12.65
N ALA A 191 4.16 35.27 -12.52
CA ALA A 191 4.56 34.74 -11.21
C ALA A 191 4.85 35.93 -10.23
N LYS A 192 5.67 36.89 -10.66
CA LYS A 192 6.01 38.03 -9.79
C LYS A 192 4.89 39.02 -9.48
N ASP A 193 4.01 39.25 -10.45
CA ASP A 193 2.90 40.12 -10.18
C ASP A 193 2.03 39.51 -9.14
N ALA A 194 2.04 38.19 -9.05
CA ALA A 194 1.21 37.46 -8.11
C ALA A 194 1.86 37.33 -6.72
N GLY A 195 3.07 37.86 -6.60
CA GLY A 195 3.83 37.89 -5.35
C GLY A 195 4.78 36.70 -5.14
N VAL A 196 5.05 35.95 -6.22
CA VAL A 196 6.12 34.93 -6.18
C VAL A 196 7.56 35.59 -5.99
N ARG A 197 8.31 35.12 -5.01
CA ARG A 197 9.67 35.56 -4.78
C ARG A 197 10.64 35.00 -5.84
N ASP A 198 11.60 35.79 -6.28
CA ASP A 198 12.62 35.33 -7.23
C ASP A 198 13.23 33.96 -6.91
N GLU A 199 13.41 33.67 -5.64
CA GLU A 199 14.00 32.42 -5.14
C GLU A 199 13.12 31.22 -5.27
N ASN A 200 11.84 31.43 -5.49
CA ASN A 200 10.95 30.33 -5.76
C ASN A 200 10.73 30.13 -7.27
N ILE A 201 11.55 30.76 -8.12
CA ILE A 201 11.34 30.65 -9.56
C ILE A 201 12.44 29.76 -10.18
N ILE A 202 12.00 28.65 -10.76
CA ILE A 202 12.86 27.81 -11.55
C ILE A 202 12.30 27.88 -12.97
N LEU A 203 13.16 27.83 -14.01
CA LEU A 203 12.67 27.90 -15.39
C LEU A 203 12.96 26.61 -16.07
N ASP A 204 12.34 26.38 -17.24
CA ASP A 204 12.50 25.14 -17.97
C ASP A 204 12.30 25.42 -19.49
N PRO A 205 13.25 25.00 -20.34
CA PRO A 205 13.04 25.34 -21.78
C PRO A 205 11.89 24.55 -22.44
N GLY A 206 11.17 23.70 -21.69
CA GLY A 206 10.08 22.93 -22.22
C GLY A 206 10.35 22.22 -23.53
N ILE A 207 11.43 21.46 -23.50
CA ILE A 207 11.91 20.63 -24.63
C ILE A 207 10.84 19.63 -24.94
N GLY A 208 10.41 19.55 -26.20
CA GLY A 208 9.41 18.58 -26.55
C GLY A 208 8.03 19.19 -26.55
N PHE A 209 7.94 20.49 -26.24
CA PHE A 209 6.67 21.25 -26.28
C PHE A 209 6.72 22.40 -27.26
N ALA A 210 5.77 22.42 -28.20
CA ALA A 210 5.62 23.49 -29.18
C ALA A 210 6.87 23.63 -30.03
N LYS A 211 7.53 22.51 -30.27
CA LYS A 211 8.85 22.56 -30.89
C LYS A 211 8.99 21.40 -31.87
N THR A 212 9.51 21.66 -33.09
CA THR A 212 9.80 20.56 -34.03
C THR A 212 10.96 19.77 -33.49
N PRO A 213 11.24 18.57 -34.05
CA PRO A 213 12.49 17.93 -33.59
C PRO A 213 13.74 18.80 -33.79
N GLU A 214 13.78 19.57 -34.89
CA GLU A 214 14.94 20.47 -35.17
C GLU A 214 15.02 21.65 -34.19
N GLN A 215 13.88 22.27 -33.86
CA GLN A 215 13.86 23.22 -32.74
C GLN A 215 14.30 22.69 -31.40
N ASN A 216 13.96 21.47 -31.05
CA ASN A 216 14.43 20.81 -29.81
C ASN A 216 15.95 20.70 -29.75
N LEU A 217 16.58 20.38 -30.86
CA LEU A 217 18.04 20.25 -30.95
C LEU A 217 18.68 21.62 -30.95
N GLU A 218 17.95 22.58 -31.52
CA GLU A 218 18.40 23.96 -31.49
C GLU A 218 18.40 24.52 -30.09
N ALA A 219 17.43 24.15 -29.25
CA ALA A 219 17.26 24.68 -27.86
C ALA A 219 18.34 24.06 -26.98
N MET A 220 18.54 22.77 -27.13
CA MET A 220 19.65 22.04 -26.50
C MET A 220 20.98 22.66 -26.78
N ARG A 221 21.28 22.90 -28.06
CA ARG A 221 22.51 23.55 -28.50
C ARG A 221 22.68 24.98 -27.89
N ASN A 222 21.57 25.66 -27.55
CA ASN A 222 21.64 27.08 -27.17
C ASN A 222 21.11 27.26 -25.77
N LEU A 223 20.94 26.16 -25.05
CA LEU A 223 20.47 26.21 -23.67
C LEU A 223 21.15 27.16 -22.73
N GLU A 224 22.47 27.38 -22.87
CA GLU A 224 23.13 28.29 -21.93
C GLU A 224 22.52 29.74 -21.92
N GLN A 225 21.87 30.17 -23.03
CA GLN A 225 21.24 31.52 -23.12
C GLN A 225 20.20 31.73 -22.01
N LEU A 226 19.68 30.65 -21.44
CA LEU A 226 18.56 30.77 -20.51
C LEU A 226 19.07 31.31 -19.19
N ASN A 227 20.37 31.05 -18.94
CA ASN A 227 21.13 31.55 -17.79
C ASN A 227 21.13 33.06 -17.62
N VAL A 228 20.88 33.81 -18.70
CA VAL A 228 20.91 35.26 -18.56
C VAL A 228 19.72 35.71 -17.72
N LEU A 229 18.68 34.89 -17.64
CA LEU A 229 17.49 35.39 -16.96
C LEU A 229 17.71 35.37 -15.42
N GLY A 230 18.78 34.71 -14.97
CA GLY A 230 19.15 34.66 -13.54
C GLY A 230 18.47 33.65 -12.66
N TYR A 231 17.67 32.75 -13.24
CA TYR A 231 17.04 31.69 -12.45
C TYR A 231 17.60 30.28 -12.68
N PRO A 232 17.44 29.41 -11.67
CA PRO A 232 17.89 28.03 -12.00
C PRO A 232 17.06 27.42 -13.09
N VAL A 233 17.68 26.54 -13.83
CA VAL A 233 17.03 25.93 -14.98
C VAL A 233 16.88 24.39 -14.72
N LEU A 234 15.65 23.89 -14.90
CA LEU A 234 15.38 22.47 -14.97
C LEU A 234 15.23 21.98 -16.46
N LEU A 235 15.89 20.89 -16.82
CA LEU A 235 15.76 20.36 -18.15
C LEU A 235 15.03 19.02 -18.08
N GLY A 236 14.05 18.80 -18.99
CA GLY A 236 13.35 17.55 -19.06
C GLY A 236 13.41 16.98 -20.45
N THR A 237 14.28 16.04 -20.69
CA THR A 237 14.42 15.55 -22.08
C THR A 237 14.13 14.04 -22.20
N SER A 238 13.99 13.40 -21.04
CA SER A 238 14.05 11.96 -20.84
C SER A 238 13.14 11.20 -21.77
N ARG A 239 13.71 10.36 -22.65
CA ARG A 239 12.95 9.45 -23.53
C ARG A 239 12.09 10.15 -24.59
N LYS A 240 12.27 11.45 -24.75
CA LYS A 240 11.37 12.24 -25.60
C LYS A 240 11.58 11.92 -27.05
N SER A 241 10.57 12.21 -27.87
CA SER A 241 10.68 11.79 -29.24
C SER A 241 11.72 12.47 -30.14
N PHE A 242 12.27 13.63 -29.78
CA PHE A 242 13.38 14.15 -30.57
C PHE A 242 14.65 13.28 -30.54
N ILE A 243 14.83 12.56 -29.44
CA ILE A 243 15.86 11.55 -29.30
C ILE A 243 15.58 10.40 -30.23
N GLY A 244 14.31 10.03 -30.34
CA GLY A 244 13.90 8.94 -31.21
C GLY A 244 14.10 9.32 -32.63
N HIS A 245 13.87 10.59 -32.93
CA HIS A 245 14.02 11.10 -34.28
C HIS A 245 15.46 11.10 -34.74
N VAL A 246 16.38 11.44 -33.83
CA VAL A 246 17.82 11.46 -34.14
C VAL A 246 18.33 10.03 -34.27
N LEU A 247 18.00 9.21 -33.28
CA LEU A 247 18.52 7.85 -33.16
C LEU A 247 17.74 6.77 -33.93
N ASP A 248 16.50 7.11 -34.25
CA ASP A 248 15.56 6.15 -34.82
C ASP A 248 15.44 4.89 -33.94
N LEU A 249 15.09 5.13 -32.67
CA LEU A 249 15.02 4.13 -31.65
C LEU A 249 13.73 4.41 -30.87
N PRO A 250 12.97 3.35 -30.51
CA PRO A 250 11.70 3.58 -29.83
C PRO A 250 11.89 3.89 -28.36
N VAL A 251 10.84 4.37 -27.69
CA VAL A 251 10.94 4.93 -26.30
C VAL A 251 11.76 4.12 -25.28
N GLU A 252 11.78 2.80 -25.41
CA GLU A 252 12.45 1.93 -24.46
C GLU A 252 13.93 1.81 -24.76
N GLU A 253 14.34 2.34 -25.90
CA GLU A 253 15.74 2.29 -26.37
C GLU A 253 16.42 3.69 -26.33
N ARG A 254 15.90 4.60 -25.50
CA ARG A 254 16.35 5.97 -25.49
C ARG A 254 17.27 6.40 -24.35
N LEU A 255 17.92 5.43 -23.68
CA LEU A 255 18.70 5.69 -22.46
C LEU A 255 19.99 6.47 -22.72
N GLU A 256 20.75 6.04 -23.73
CA GLU A 256 21.93 6.69 -24.23
C GLU A 256 21.61 8.04 -24.86
N GLY A 257 20.60 8.12 -25.70
CA GLY A 257 20.14 9.43 -26.15
C GLY A 257 19.83 10.40 -25.02
N THR A 258 19.08 9.95 -24.00
CA THR A 258 18.69 10.79 -22.84
C THR A 258 19.94 11.21 -22.14
N GLY A 259 20.82 10.25 -21.85
CA GLY A 259 22.13 10.53 -21.27
C GLY A 259 22.84 11.66 -21.98
N ALA A 260 22.84 11.70 -23.33
CA ALA A 260 23.62 12.71 -24.03
C ALA A 260 23.04 14.05 -23.69
N THR A 261 21.71 14.19 -23.74
CA THR A 261 21.03 15.44 -23.48
C THR A 261 21.21 15.89 -21.98
N VAL A 262 21.19 14.95 -21.08
CA VAL A 262 21.50 15.27 -19.64
C VAL A 262 22.92 15.81 -19.55
N CYS A 263 23.86 15.21 -20.28
CA CYS A 263 25.25 15.66 -20.19
C CYS A 263 25.46 17.03 -20.76
N LEU A 264 24.87 17.26 -21.94
CA LEU A 264 24.93 18.57 -22.57
C LEU A 264 24.25 19.62 -21.73
N GLY A 265 23.13 19.31 -21.12
CA GLY A 265 22.40 20.20 -20.27
C GLY A 265 23.17 20.57 -19.01
N ILE A 266 23.84 19.64 -18.33
CA ILE A 266 24.65 19.95 -17.16
C ILE A 266 25.86 20.81 -17.55
N GLU A 267 26.42 20.50 -18.69
CA GLU A 267 27.48 21.32 -19.21
C GLU A 267 27.01 22.73 -19.63
N LYS A 268 25.76 22.90 -19.96
CA LYS A 268 25.31 24.23 -20.28
C LYS A 268 24.75 24.92 -19.08
N GLY A 269 24.94 24.34 -17.86
CA GLY A 269 24.55 25.00 -16.60
C GLY A 269 23.21 24.69 -15.96
N CYS A 270 22.50 23.63 -16.32
CA CYS A 270 21.23 23.31 -15.64
CA CYS A 270 21.24 23.35 -15.63
C CYS A 270 21.46 22.81 -14.22
N GLU A 271 20.55 23.18 -13.34
CA GLU A 271 20.57 22.83 -11.96
C GLU A 271 19.78 21.54 -11.71
N PHE A 272 18.75 21.24 -12.51
CA PHE A 272 17.97 20.04 -12.27
C PHE A 272 17.81 19.26 -13.58
N VAL A 273 17.74 17.92 -13.53
CA VAL A 273 17.22 17.15 -14.69
C VAL A 273 16.06 16.27 -14.27
N ARG A 274 15.05 16.16 -15.16
CA ARG A 274 13.84 15.40 -14.89
C ARG A 274 13.84 14.15 -15.78
N VAL A 275 14.02 12.99 -15.14
CA VAL A 275 14.37 11.75 -15.82
C VAL A 275 13.57 10.55 -15.33
N HIS A 276 13.42 9.54 -16.20
CA HIS A 276 12.81 8.28 -15.75
C HIS A 276 13.88 7.34 -15.22
N ASP A 277 15.03 7.28 -15.90
CA ASP A 277 16.07 6.33 -15.58
C ASP A 277 16.99 6.87 -14.48
N VAL A 278 16.45 6.94 -13.26
CA VAL A 278 17.15 7.66 -12.20
C VAL A 278 18.55 7.07 -11.89
N LYS A 279 18.69 5.76 -11.84
CA LYS A 279 20.00 5.16 -11.50
C LYS A 279 21.12 5.63 -12.47
N GLU A 280 20.82 5.49 -13.76
CA GLU A 280 21.70 5.76 -14.84
C GLU A 280 22.02 7.26 -14.89
N MET A 281 20.99 8.12 -14.90
CA MET A 281 21.22 9.59 -15.02
C MET A 281 21.92 10.18 -13.81
N SER A 282 21.71 9.62 -12.61
CA SER A 282 22.49 10.02 -11.40
C SER A 282 23.98 9.83 -11.54
N ARG A 283 24.33 8.67 -12.04
CA ARG A 283 25.67 8.34 -12.43
C ARG A 283 26.28 9.26 -13.50
N MET A 284 25.54 9.54 -14.59
CA MET A 284 26.07 10.44 -15.59
C MET A 284 26.20 11.85 -15.02
N ALA A 285 25.21 12.28 -14.24
CA ALA A 285 25.21 13.62 -13.65
C ALA A 285 26.39 13.77 -12.66
N LYS A 286 26.60 12.78 -11.85
CA LYS A 286 27.69 12.82 -10.94
C LYS A 286 29.03 12.90 -11.64
N MET A 287 29.22 12.14 -12.71
CA MET A 287 30.47 12.25 -13.47
C MET A 287 30.58 13.64 -14.16
N MET A 288 29.52 14.12 -14.84
CA MET A 288 29.50 15.43 -15.42
C MET A 288 29.92 16.48 -14.40
N ASP A 289 29.25 16.51 -13.22
CA ASP A 289 29.63 17.39 -12.08
C ASP A 289 31.11 17.36 -11.67
N ALA A 290 31.65 16.18 -11.43
CA ALA A 290 33.07 16.06 -11.19
C ALA A 290 33.90 16.73 -12.31
N MET A 291 33.57 16.51 -13.59
CA MET A 291 34.40 17.10 -14.64
C MET A 291 34.27 18.61 -14.79
N ILE A 292 33.05 19.16 -14.75
CA ILE A 292 32.88 20.61 -14.94
C ILE A 292 33.27 21.41 -13.67
N GLY A 293 33.46 20.73 -12.56
CA GLY A 293 33.87 21.36 -11.33
C GLY A 293 32.72 21.90 -10.49
N LYS A 294 31.51 21.33 -10.64
CA LYS A 294 30.40 21.55 -9.72
C LYS A 294 30.37 20.40 -8.75
N LYS B 22 1.16 -38.64 16.49
CA LYS B 22 -0.17 -38.52 17.18
C LYS B 22 -1.38 -37.94 16.35
N TRP B 23 -1.23 -36.85 15.60
CA TRP B 23 -2.05 -36.70 14.36
C TRP B 23 -1.30 -37.44 13.26
N ASP B 24 -2.00 -38.15 12.39
CA ASP B 24 -1.31 -38.95 11.37
C ASP B 24 -1.39 -38.31 9.98
N TYR B 25 -1.80 -37.06 9.97
CA TYR B 25 -1.74 -36.26 8.78
C TYR B 25 -1.39 -34.80 9.18
N ASP B 26 -0.93 -34.04 8.18
CA ASP B 26 -0.70 -32.58 8.30
C ASP B 26 -1.92 -31.88 7.73
N LEU B 27 -2.12 -30.63 8.11
CA LEU B 27 -3.15 -29.79 7.52
C LEU B 27 -2.57 -29.17 6.27
N ARG B 28 -3.17 -29.52 5.15
CA ARG B 28 -2.68 -29.18 3.81
C ARG B 28 -3.37 -27.91 3.38
N CYS B 29 -2.57 -26.84 3.23
CA CYS B 29 -3.04 -25.49 2.91
C CYS B 29 -2.53 -24.93 1.57
N GLY B 30 -2.79 -25.66 0.47
CA GLY B 30 -2.30 -25.24 -0.85
C GLY B 30 -0.78 -25.27 -0.79
N GLU B 31 -0.15 -24.09 -0.85
CA GLU B 31 1.32 -24.03 -0.76
C GLU B 31 1.91 -24.27 0.64
N TYR B 32 1.10 -24.09 1.70
CA TYR B 32 1.60 -24.19 3.06
C TYR B 32 1.14 -25.49 3.66
N THR B 33 1.89 -25.97 4.62
CA THR B 33 1.52 -27.18 5.29
C THR B 33 1.66 -26.95 6.75
N LEU B 34 0.65 -27.35 7.53
CA LEU B 34 0.67 -27.12 8.97
C LEU B 34 0.72 -28.45 9.60
N ASN B 35 1.81 -28.68 10.33
CA ASN B 35 2.00 -29.92 11.06
C ASN B 35 1.23 -29.77 12.40
N LEU B 36 0.41 -30.76 12.74
CA LEU B 36 -0.41 -30.63 13.95
C LEU B 36 0.27 -31.25 15.18
N ASN B 37 1.45 -31.84 15.00
CA ASN B 37 2.16 -32.48 16.12
C ASN B 37 3.29 -31.65 16.77
N GLU B 38 4.03 -30.85 16.01
CA GLU B 38 5.23 -30.14 16.53
C GLU B 38 4.91 -29.09 17.58
N LYS B 39 3.81 -28.37 17.40
CA LYS B 39 3.59 -27.18 18.17
C LYS B 39 2.15 -26.75 18.08
N THR B 40 1.69 -26.00 19.09
CA THR B 40 0.41 -25.30 18.96
C THR B 40 0.47 -24.23 17.86
N LEU B 41 -0.53 -24.16 16.97
CA LEU B 41 -0.47 -23.18 15.94
C LEU B 41 -1.20 -21.89 16.33
N ILE B 42 -0.53 -20.75 16.11
CA ILE B 42 -1.04 -19.47 16.53
C ILE B 42 -1.76 -18.84 15.37
N MET B 43 -3.07 -18.64 15.52
CA MET B 43 -3.86 -17.90 14.53
C MET B 43 -3.97 -16.42 14.88
N GLY B 44 -3.41 -15.55 14.04
CA GLY B 44 -3.36 -14.16 14.44
C GLY B 44 -4.58 -13.44 13.90
N ILE B 45 -5.24 -12.64 14.74
CA ILE B 45 -6.38 -11.88 14.30
C ILE B 45 -5.94 -10.56 13.66
N LEU B 46 -6.19 -10.41 12.35
CA LEU B 46 -5.85 -9.19 11.63
C LEU B 46 -6.78 -8.06 12.03
N ASN B 47 -6.16 -6.97 12.46
CA ASN B 47 -6.74 -5.69 12.79
C ASN B 47 -7.49 -5.23 11.53
N VAL B 48 -8.80 -5.13 11.68
CA VAL B 48 -9.67 -4.81 10.56
C VAL B 48 -10.49 -3.54 10.97
N THR B 49 -10.09 -2.38 10.44
CA THR B 49 -10.59 -1.06 10.90
C THR B 49 -11.02 -0.19 9.71
N PRO B 50 -12.28 -0.34 9.21
CA PRO B 50 -12.78 0.35 7.98
C PRO B 50 -12.21 1.79 7.67
N GLY B 56 -13.68 0.53 0.87
CA GLY B 56 -13.32 -0.95 0.52
C GLY B 56 -12.06 -0.87 -0.38
N GLY B 57 -10.95 -1.38 0.17
CA GLY B 57 -9.75 -1.53 -0.67
C GLY B 57 -8.85 -0.33 -0.83
N SER B 58 -9.17 0.74 -0.11
CA SER B 58 -8.39 1.97 -0.23
C SER B 58 -7.04 1.65 0.41
N TYR B 59 -6.03 2.43 0.15
CA TYR B 59 -4.63 2.22 0.59
C TYR B 59 -4.41 2.10 2.10
N ASN B 60 -5.09 3.02 2.81
CA ASN B 60 -4.79 3.08 4.23
C ASN B 60 -5.19 1.87 4.95
N GLU B 61 -6.35 1.33 4.59
CA GLU B 61 -6.79 0.20 5.30
C GLU B 61 -6.05 -1.05 4.82
N VAL B 62 -5.69 -1.15 3.53
CA VAL B 62 -5.08 -2.43 3.09
C VAL B 62 -3.59 -2.48 3.46
N ASP B 63 -2.98 -1.30 3.51
CA ASP B 63 -1.61 -1.19 3.96
C ASP B 63 -1.50 -1.42 5.46
N ALA B 64 -2.46 -0.86 6.21
CA ALA B 64 -2.44 -1.09 7.66
C ALA B 64 -2.59 -2.59 7.93
N ALA B 65 -3.21 -3.30 6.98
CA ALA B 65 -3.50 -4.72 7.15
C ALA B 65 -2.26 -5.56 6.83
N VAL B 66 -1.54 -5.21 5.74
CA VAL B 66 -0.26 -5.84 5.40
C VAL B 66 0.78 -5.59 6.55
N ARG B 67 0.84 -4.36 7.06
CA ARG B 67 1.81 -4.02 8.12
C ARG B 67 1.52 -4.86 9.33
N HIS B 68 0.25 -5.05 9.65
CA HIS B 68 -0.10 -5.74 10.83
C HIS B 68 0.07 -7.24 10.66
N ALA B 69 -0.25 -7.78 9.48
CA ALA B 69 0.06 -9.18 9.17
C ALA B 69 1.56 -9.46 9.26
N LYS B 70 2.35 -8.54 8.76
CA LYS B 70 3.78 -8.69 8.78
C LYS B 70 4.34 -8.67 10.19
N GLU B 71 3.79 -7.80 11.03
CA GLU B 71 4.15 -7.78 12.44
C GLU B 71 3.74 -9.11 13.13
N MET B 72 2.53 -9.62 12.87
CA MET B 72 2.11 -10.88 13.46
C MET B 72 2.94 -12.07 12.99
N ARG B 73 3.27 -12.12 11.69
CA ARG B 73 4.27 -13.02 11.19
C ARG B 73 5.59 -12.99 12.00
N ASP B 74 6.12 -11.80 12.18
CA ASP B 74 7.39 -11.63 12.87
C ASP B 74 7.32 -12.04 14.32
N GLU B 75 6.15 -11.86 14.95
CA GLU B 75 5.89 -12.18 16.35
C GLU B 75 5.60 -13.67 16.63
N GLY B 76 5.46 -14.46 15.56
CA GLY B 76 5.26 -15.90 15.65
C GLY B 76 3.94 -16.51 15.17
N ALA B 77 3.26 -15.84 14.25
CA ALA B 77 1.95 -16.34 13.81
C ALA B 77 2.13 -17.34 12.71
N HIS B 78 1.31 -18.42 12.76
CA HIS B 78 1.29 -19.49 11.80
C HIS B 78 0.16 -19.34 10.78
N ILE B 79 -0.90 -18.63 11.15
CA ILE B 79 -2.03 -18.35 10.25
C ILE B 79 -2.46 -16.91 10.53
N ILE B 80 -2.99 -16.21 9.51
CA ILE B 80 -3.58 -14.86 9.62
C ILE B 80 -5.08 -14.98 9.34
N ASP B 81 -5.91 -14.57 10.30
CA ASP B 81 -7.37 -14.64 10.19
C ASP B 81 -7.93 -13.29 9.74
N ILE B 82 -8.72 -13.26 8.66
CA ILE B 82 -9.11 -11.96 8.09
C ILE B 82 -10.67 -11.84 8.08
N GLY B 83 -11.24 -10.84 8.76
CA GLY B 83 -12.72 -10.83 8.99
C GLY B 83 -13.54 -9.71 8.32
N GLY B 84 -14.61 -10.07 7.60
CA GLY B 84 -15.38 -9.08 6.80
C GLY B 84 -16.08 -7.94 7.55
N VAL B 94 -24.68 -4.72 6.09
CA VAL B 94 -23.81 -4.47 4.96
C VAL B 94 -23.80 -5.74 4.08
N SER B 95 -24.02 -5.57 2.78
CA SER B 95 -24.32 -6.70 1.88
C SER B 95 -23.13 -7.60 1.65
N VAL B 96 -23.41 -8.83 1.24
CA VAL B 96 -22.40 -9.70 0.64
C VAL B 96 -21.46 -8.92 -0.31
N GLU B 97 -22.02 -8.03 -1.14
CA GLU B 97 -21.24 -7.18 -2.07
C GLU B 97 -20.20 -6.35 -1.34
N GLU B 98 -20.61 -5.57 -0.33
CA GLU B 98 -19.68 -4.68 0.41
C GLU B 98 -18.66 -5.42 1.27
N GLU B 99 -19.05 -6.59 1.78
CA GLU B 99 -18.13 -7.43 2.55
C GLU B 99 -17.05 -7.97 1.62
N ILE B 100 -17.44 -8.44 0.44
CA ILE B 100 -16.50 -8.94 -0.59
C ILE B 100 -15.50 -7.85 -1.04
N LYS B 101 -15.99 -6.66 -1.38
CA LYS B 101 -15.20 -5.49 -1.74
C LYS B 101 -14.18 -5.11 -0.68
N ARG B 102 -14.53 -5.25 0.59
CA ARG B 102 -13.64 -4.88 1.67
C ARG B 102 -12.58 -5.93 1.91
N VAL B 103 -12.98 -7.20 1.82
CA VAL B 103 -12.13 -8.28 2.32
C VAL B 103 -11.22 -8.91 1.24
N VAL B 104 -11.67 -8.91 -0.02
CA VAL B 104 -10.89 -9.46 -1.17
C VAL B 104 -9.54 -8.74 -1.35
N PRO B 105 -9.54 -7.40 -1.36
CA PRO B 105 -8.31 -6.61 -1.44
C PRO B 105 -7.34 -6.92 -0.31
N MET B 106 -7.83 -7.02 0.92
CA MET B 106 -6.94 -7.46 1.99
C MET B 106 -6.34 -8.86 1.80
N ILE B 107 -7.12 -9.78 1.29
CA ILE B 107 -6.61 -11.13 1.13
C ILE B 107 -5.55 -11.14 0.04
N GLN B 108 -5.80 -10.45 -1.06
CA GLN B 108 -4.86 -10.42 -2.17
C GLN B 108 -3.53 -9.82 -1.84
N ALA B 109 -3.52 -8.76 -1.01
CA ALA B 109 -2.26 -8.09 -0.66
C ALA B 109 -1.53 -8.85 0.47
N VAL B 110 -2.26 -9.34 1.48
CA VAL B 110 -1.64 -10.06 2.57
C VAL B 110 -1.00 -11.37 2.04
N SER B 111 -1.74 -12.15 1.27
CA SER B 111 -1.21 -13.33 0.62
C SER B 111 0.02 -13.09 -0.28
N LYS B 112 0.08 -11.91 -0.94
CA LYS B 112 1.20 -11.60 -1.78
C LYS B 112 2.39 -11.27 -0.93
N GLU B 113 2.17 -10.50 0.13
CA GLU B 113 3.28 -9.88 0.82
C GLU B 113 3.73 -10.59 2.06
N VAL B 114 2.93 -11.51 2.55
CA VAL B 114 3.22 -12.24 3.80
C VAL B 114 3.01 -13.74 3.53
N LYS B 115 4.07 -14.51 3.78
CA LYS B 115 4.00 -15.95 3.50
C LYS B 115 3.49 -16.81 4.67
N LEU B 116 2.18 -16.76 4.91
CA LEU B 116 1.51 -17.60 5.92
C LEU B 116 0.18 -17.92 5.29
N PRO B 117 -0.41 -19.05 5.65
CA PRO B 117 -1.80 -19.29 5.31
C PRO B 117 -2.77 -18.29 5.92
N ILE B 118 -3.85 -18.05 5.18
CA ILE B 118 -4.84 -17.04 5.55
C ILE B 118 -6.17 -17.68 5.76
N SER B 119 -6.81 -17.42 6.90
CA SER B 119 -8.20 -17.83 7.05
C SER B 119 -9.10 -16.68 6.75
N ILE B 120 -10.16 -16.95 5.99
CA ILE B 120 -11.26 -16.01 5.82
C ILE B 120 -12.32 -16.25 6.88
N ASP B 121 -12.52 -15.21 7.69
CA ASP B 121 -13.55 -15.23 8.73
C ASP B 121 -14.88 -14.91 8.08
N THR B 122 -15.60 -15.93 7.64
CA THR B 122 -16.96 -15.69 7.10
C THR B 122 -17.94 -16.84 7.31
N TYR B 123 -19.24 -16.57 7.43
CA TYR B 123 -20.24 -17.64 7.41
C TYR B 123 -20.98 -17.76 6.09
N LYS B 124 -20.72 -16.81 5.18
CA LYS B 124 -21.38 -16.69 3.90
C LYS B 124 -20.61 -17.46 2.83
N ALA B 125 -21.34 -18.28 2.08
CA ALA B 125 -20.78 -19.08 0.97
C ALA B 125 -20.08 -18.24 -0.11
N GLU B 126 -20.65 -17.09 -0.43
CA GLU B 126 -20.14 -16.29 -1.55
C GLU B 126 -18.88 -15.55 -1.16
N VAL B 127 -18.87 -15.04 0.06
CA VAL B 127 -17.67 -14.46 0.61
C VAL B 127 -16.54 -15.49 0.65
N ALA B 128 -16.83 -16.70 1.12
CA ALA B 128 -15.77 -17.72 1.20
C ALA B 128 -15.26 -18.00 -0.22
N LYS B 129 -16.17 -18.23 -1.17
CA LYS B 129 -15.73 -18.47 -2.55
C LYS B 129 -14.71 -17.43 -3.03
N GLN B 130 -15.06 -16.15 -3.01
CA GLN B 130 -14.19 -15.09 -3.50
C GLN B 130 -12.90 -14.94 -2.75
N ALA B 131 -12.98 -15.09 -1.44
CA ALA B 131 -11.83 -14.97 -0.58
C ALA B 131 -10.75 -15.98 -0.97
N ILE B 132 -11.18 -17.20 -1.28
CA ILE B 132 -10.33 -18.30 -1.73
C ILE B 132 -9.74 -18.08 -3.12
N GLU B 133 -10.60 -17.64 -4.05
CA GLU B 133 -10.21 -17.17 -5.36
C GLU B 133 -9.19 -16.03 -5.24
N ALA B 134 -9.41 -15.16 -4.23
CA ALA B 134 -8.48 -14.07 -3.90
C ALA B 134 -7.18 -14.44 -3.22
N GLY B 135 -7.00 -15.68 -2.74
CA GLY B 135 -5.77 -16.11 -2.00
C GLY B 135 -5.95 -16.87 -0.66
N ALA B 136 -7.16 -16.96 -0.10
CA ALA B 136 -7.32 -17.44 1.26
C ALA B 136 -7.18 -18.98 1.23
N HIS B 137 -6.71 -19.58 2.32
CA HIS B 137 -6.44 -21.03 2.38
C HIS B 137 -7.40 -21.83 3.28
N ILE B 138 -8.12 -21.14 4.16
CA ILE B 138 -8.90 -21.79 5.25
C ILE B 138 -10.15 -20.99 5.44
N ILE B 139 -11.26 -21.67 5.59
CA ILE B 139 -12.52 -21.03 5.91
C ILE B 139 -12.75 -21.10 7.39
N ASN B 140 -12.95 -19.95 8.03
CA ASN B 140 -13.27 -19.89 9.43
C ASN B 140 -14.72 -19.50 9.64
N ASP B 141 -15.59 -20.48 9.88
CA ASP B 141 -17.04 -20.25 9.92
C ASP B 141 -17.60 -20.21 11.32
N ILE B 142 -17.95 -19.02 11.81
CA ILE B 142 -18.59 -18.88 13.15
C ILE B 142 -19.96 -19.51 13.29
N TRP B 143 -20.58 -19.94 12.18
CA TRP B 143 -21.91 -20.57 12.28
C TRP B 143 -21.83 -22.03 12.03
N GLY B 144 -20.64 -22.52 11.70
CA GLY B 144 -20.40 -23.95 11.49
C GLY B 144 -21.14 -24.58 10.32
N ALA B 145 -21.24 -23.85 9.23
CA ALA B 145 -22.00 -24.33 8.00
C ALA B 145 -23.52 -24.34 8.25
N LYS B 146 -23.96 -23.74 9.35
CA LYS B 146 -25.37 -23.80 9.68
C LYS B 146 -26.15 -22.60 9.18
N ALA B 147 -25.48 -21.45 9.05
CA ALA B 147 -26.03 -20.22 8.56
C ALA B 147 -26.33 -20.34 7.05
N GLU B 148 -25.35 -20.90 6.34
CA GLU B 148 -25.35 -21.01 4.90
C GLU B 148 -24.65 -22.30 4.57
N PRO B 149 -25.40 -23.42 4.49
CA PRO B 149 -24.84 -24.75 4.22
C PRO B 149 -23.99 -24.90 2.94
N LYS B 150 -24.22 -24.04 1.96
CA LYS B 150 -23.45 -24.06 0.72
C LYS B 150 -21.96 -23.72 0.93
N ILE B 151 -21.64 -23.09 2.06
CA ILE B 151 -20.24 -22.83 2.42
C ILE B 151 -19.39 -24.14 2.42
N ALA B 152 -20.01 -25.25 2.79
CA ALA B 152 -19.39 -26.56 2.85
C ALA B 152 -19.16 -27.14 1.43
N GLU B 153 -20.09 -26.83 0.51
CA GLU B 153 -19.88 -27.02 -0.92
C GLU B 153 -18.68 -26.24 -1.41
N VAL B 154 -18.49 -25.03 -0.85
CA VAL B 154 -17.32 -24.19 -1.22
C VAL B 154 -16.06 -24.85 -0.72
N ALA B 155 -16.02 -25.18 0.55
CA ALA B 155 -14.90 -25.87 1.13
C ALA B 155 -14.53 -27.16 0.37
N ALA B 156 -15.56 -27.96 0.09
CA ALA B 156 -15.40 -29.23 -0.64
C ALA B 156 -14.76 -29.03 -1.97
N HIS B 157 -15.20 -28.00 -2.70
CA HIS B 157 -14.72 -27.73 -4.06
C HIS B 157 -13.31 -27.25 -4.13
N TYR B 158 -12.97 -26.32 -3.25
CA TYR B 158 -11.64 -25.81 -3.19
C TYR B 158 -10.71 -26.73 -2.39
N ASP B 159 -11.26 -27.75 -1.74
CA ASP B 159 -10.46 -28.69 -0.97
C ASP B 159 -9.72 -28.04 0.20
N VAL B 160 -10.31 -26.99 0.77
CA VAL B 160 -9.69 -26.21 1.85
C VAL B 160 -10.14 -26.69 3.27
N PRO B 161 -9.26 -26.51 4.25
CA PRO B 161 -9.69 -26.76 5.61
C PRO B 161 -10.79 -25.80 5.99
N ILE B 162 -11.79 -26.25 6.73
CA ILE B 162 -12.82 -25.33 7.23
C ILE B 162 -12.99 -25.50 8.74
N ILE B 163 -13.00 -24.40 9.48
CA ILE B 163 -13.23 -24.41 10.93
C ILE B 163 -14.74 -24.29 11.16
N LEU B 164 -15.32 -25.27 11.82
CA LEU B 164 -16.73 -25.33 12.15
C LEU B 164 -16.87 -24.92 13.56
N MET B 165 -17.20 -23.66 13.82
CA MET B 165 -17.31 -23.20 15.24
C MET B 165 -18.65 -23.53 15.88
N HIS B 166 -18.68 -23.87 17.17
CA HIS B 166 -19.94 -24.02 17.86
C HIS B 166 -20.67 -22.70 18.08
N ASN B 167 -21.94 -22.67 17.71
CA ASN B 167 -22.79 -21.49 17.90
C ASN B 167 -24.27 -21.98 17.84
N ARG B 168 -25.19 -21.16 18.34
CA ARG B 168 -26.60 -21.47 18.32
C ARG B 168 -27.37 -20.22 18.77
N ASP B 169 -28.69 -20.19 18.58
CA ASP B 169 -29.42 -18.92 18.83
C ASP B 169 -30.00 -18.77 20.24
N ASN B 170 -29.72 -19.70 21.12
CA ASN B 170 -30.21 -19.64 22.48
C ASN B 170 -29.12 -20.09 23.40
N MET B 171 -29.32 -19.91 24.69
CA MET B 171 -28.35 -20.36 25.68
C MET B 171 -28.98 -21.37 26.60
N ASN B 172 -29.91 -22.15 26.07
CA ASN B 172 -30.58 -23.13 26.89
C ASN B 172 -29.99 -24.54 26.70
N TYR B 173 -29.12 -24.92 27.62
CA TYR B 173 -28.43 -26.16 27.51
C TYR B 173 -28.97 -27.15 28.54
N ARG B 174 -29.31 -28.36 28.07
CA ARG B 174 -29.59 -29.48 28.94
C ARG B 174 -28.29 -29.93 29.66
N ASN B 175 -27.17 -29.95 28.93
CA ASN B 175 -25.89 -30.40 29.42
C ASN B 175 -24.99 -29.73 28.42
N LEU B 176 -24.32 -28.68 28.90
CA LEU B 176 -23.55 -27.78 28.04
C LEU B 176 -22.72 -28.55 27.03
N MET B 177 -21.82 -29.40 27.53
CA MET B 177 -20.79 -30.04 26.70
C MET B 177 -21.31 -31.09 25.77
N ALA B 178 -22.29 -31.85 26.30
CA ALA B 178 -23.06 -32.85 25.57
C ALA B 178 -23.79 -32.21 24.41
N ASP B 179 -24.46 -31.09 24.66
CA ASP B 179 -25.10 -30.26 23.62
C ASP B 179 -24.18 -29.64 22.60
N MET B 180 -23.03 -29.15 23.02
CA MET B 180 -22.06 -28.57 22.10
C MET B 180 -21.50 -29.62 21.15
N ILE B 181 -21.14 -30.80 21.67
CA ILE B 181 -20.74 -31.96 20.87
C ILE B 181 -21.82 -32.41 19.88
N ALA B 182 -23.04 -32.55 20.34
CA ALA B 182 -24.19 -32.73 19.49
C ALA B 182 -24.27 -31.65 18.37
N ASP B 183 -24.23 -30.37 18.73
CA ASP B 183 -24.24 -29.29 17.72
C ASP B 183 -23.05 -29.32 16.76
N LEU B 184 -21.86 -29.53 17.31
CA LEU B 184 -20.65 -29.74 16.49
C LEU B 184 -20.81 -30.95 15.54
N TYR B 185 -21.37 -32.09 15.98
CA TYR B 185 -21.55 -33.13 15.02
CA TYR B 185 -21.67 -33.19 15.05
C TYR B 185 -22.58 -32.76 13.94
N ASP B 186 -23.62 -32.00 14.28
CA ASP B 186 -24.53 -31.50 13.19
C ASP B 186 -23.74 -30.73 12.12
N SER B 187 -22.81 -29.88 12.54
CA SER B 187 -21.93 -29.18 11.61
C SER B 187 -21.07 -30.15 10.75
N ILE B 188 -20.49 -31.17 11.39
CA ILE B 188 -19.62 -32.14 10.72
C ILE B 188 -20.40 -32.94 9.70
N LYS B 189 -21.65 -33.24 10.02
CA LYS B 189 -22.54 -33.98 9.15
C LYS B 189 -22.83 -33.13 7.94
N ILE B 190 -23.21 -31.87 8.14
CA ILE B 190 -23.32 -30.91 6.99
C ILE B 190 -22.03 -30.79 6.14
N ALA B 191 -20.86 -30.62 6.78
CA ALA B 191 -19.57 -30.62 6.01
C ALA B 191 -19.36 -31.90 5.16
N LYS B 192 -19.52 -33.07 5.76
CA LYS B 192 -19.30 -34.35 5.07
C LYS B 192 -20.30 -34.66 3.98
N ASP B 193 -21.57 -34.36 4.25
CA ASP B 193 -22.62 -34.46 3.26
C ASP B 193 -22.33 -33.65 2.02
N ALA B 194 -21.64 -32.51 2.19
CA ALA B 194 -21.23 -31.71 1.05
C ALA B 194 -19.93 -32.20 0.40
N GLY B 195 -19.28 -33.19 1.00
CA GLY B 195 -18.04 -33.76 0.49
C GLY B 195 -16.76 -33.21 1.12
N VAL B 196 -16.88 -32.48 2.22
CA VAL B 196 -15.67 -32.09 2.93
C VAL B 196 -15.05 -33.34 3.50
N ARG B 197 -13.76 -33.59 3.21
CA ARG B 197 -12.97 -34.68 3.81
C ARG B 197 -12.65 -34.45 5.28
N ASP B 198 -12.62 -35.52 6.08
CA ASP B 198 -12.23 -35.36 7.49
C ASP B 198 -10.97 -34.53 7.78
N GLU B 199 -9.95 -34.72 6.96
CA GLU B 199 -8.68 -34.05 7.11
C GLU B 199 -8.83 -32.54 6.97
N ASN B 200 -9.90 -32.08 6.32
CA ASN B 200 -10.15 -30.65 6.20
C ASN B 200 -11.14 -30.11 7.25
N ILE B 201 -11.42 -30.88 8.30
CA ILE B 201 -12.31 -30.42 9.39
C ILE B 201 -11.53 -30.08 10.66
N ILE B 202 -11.77 -28.86 11.12
CA ILE B 202 -11.31 -28.38 12.40
C ILE B 202 -12.52 -27.95 13.25
N LEU B 203 -12.47 -28.11 14.57
CA LEU B 203 -13.64 -27.79 15.34
C LEU B 203 -13.31 -26.71 16.28
N ASP B 204 -14.29 -26.00 16.77
CA ASP B 204 -14.01 -24.93 17.71
C ASP B 204 -15.21 -24.83 18.69
N PRO B 205 -14.95 -24.76 20.03
CA PRO B 205 -16.02 -24.70 21.03
C PRO B 205 -16.86 -23.40 21.07
N GLY B 206 -16.43 -22.37 20.35
CA GLY B 206 -17.12 -21.12 20.23
C GLY B 206 -17.30 -20.44 21.55
N ILE B 207 -16.20 -20.28 22.29
CA ILE B 207 -16.21 -19.57 23.61
C ILE B 207 -16.71 -18.13 23.40
N GLY B 208 -17.64 -17.66 24.21
CA GLY B 208 -18.10 -16.33 24.00
C GLY B 208 -19.24 -16.29 23.01
N PHE B 209 -19.78 -17.44 22.61
CA PHE B 209 -20.93 -17.41 21.69
C PHE B 209 -21.99 -18.27 22.27
N ALA B 210 -23.20 -17.69 22.33
CA ALA B 210 -24.38 -18.38 22.81
C ALA B 210 -24.08 -19.04 24.15
N LYS B 211 -23.21 -18.42 24.95
CA LYS B 211 -22.87 -18.95 26.30
C LYS B 211 -22.86 -17.85 27.38
N THR B 212 -23.39 -18.13 28.56
CA THR B 212 -23.25 -17.16 29.69
C THR B 212 -21.77 -17.13 30.15
N PRO B 213 -21.32 -16.08 30.87
CA PRO B 213 -19.95 -16.14 31.40
C PRO B 213 -19.61 -17.44 32.16
N GLU B 214 -20.57 -18.02 32.89
CA GLU B 214 -20.35 -19.24 33.62
C GLU B 214 -20.33 -20.47 32.69
N GLN B 215 -21.16 -20.48 31.68
CA GLN B 215 -21.04 -21.55 30.73
C GLN B 215 -19.68 -21.50 29.99
N ASN B 216 -19.17 -20.34 29.67
CA ASN B 216 -17.83 -20.24 29.02
C ASN B 216 -16.72 -20.85 29.88
N LEU B 217 -16.79 -20.68 31.19
CA LEU B 217 -15.79 -21.24 32.09
C LEU B 217 -15.99 -22.74 32.25
N GLU B 218 -17.25 -23.16 32.25
CA GLU B 218 -17.56 -24.58 32.17
C GLU B 218 -17.02 -25.24 30.89
N ALA B 219 -17.15 -24.57 29.75
CA ALA B 219 -16.66 -25.17 28.49
C ALA B 219 -15.17 -25.25 28.52
N MET B 220 -14.48 -24.16 28.87
CA MET B 220 -13.03 -24.20 29.22
C MET B 220 -12.62 -25.33 30.19
N ARG B 221 -13.37 -25.51 31.28
CA ARG B 221 -13.06 -26.54 32.27
C ARG B 221 -13.11 -27.96 31.63
N ASN B 222 -13.90 -28.14 30.57
CA ASN B 222 -14.26 -29.44 30.05
C ASN B 222 -13.87 -29.65 28.62
N LEU B 223 -13.01 -28.78 28.14
CA LEU B 223 -12.69 -28.71 26.75
C LEU B 223 -12.12 -30.00 26.19
N GLU B 224 -11.39 -30.79 26.99
CA GLU B 224 -10.83 -32.05 26.54
C GLU B 224 -11.90 -33.01 26.02
N GLN B 225 -13.17 -32.79 26.39
CA GLN B 225 -14.21 -33.65 25.87
C GLN B 225 -14.38 -33.54 24.34
N LEU B 226 -14.00 -32.43 23.72
CA LEU B 226 -14.13 -32.30 22.26
C LEU B 226 -13.23 -33.24 21.51
N ASN B 227 -12.15 -33.66 22.17
CA ASN B 227 -11.15 -34.53 21.59
C ASN B 227 -11.74 -35.82 21.12
N VAL B 228 -12.75 -36.34 21.82
CA VAL B 228 -13.39 -37.60 21.43
C VAL B 228 -13.93 -37.60 19.98
N LEU B 229 -14.16 -36.42 19.39
CA LEU B 229 -14.78 -36.44 18.07
C LEU B 229 -13.77 -36.74 16.97
N GLY B 230 -12.49 -36.64 17.32
CA GLY B 230 -11.42 -37.07 16.46
C GLY B 230 -10.80 -36.01 15.56
N TYR B 231 -11.26 -34.76 15.63
CA TYR B 231 -10.73 -33.64 14.80
C TYR B 231 -9.88 -32.65 15.57
N PRO B 232 -8.97 -31.95 14.88
CA PRO B 232 -8.25 -30.89 15.59
C PRO B 232 -9.20 -29.80 16.13
N VAL B 233 -8.73 -29.15 17.21
CA VAL B 233 -9.54 -28.16 17.93
C VAL B 233 -8.85 -26.77 17.93
N LEU B 234 -9.61 -25.74 17.50
CA LEU B 234 -9.20 -24.36 17.62
C LEU B 234 -9.88 -23.66 18.79
N LEU B 235 -9.11 -22.96 19.59
CA LEU B 235 -9.64 -22.19 20.69
C LEU B 235 -9.49 -20.67 20.46
N GLY B 236 -10.59 -19.95 20.60
CA GLY B 236 -10.63 -18.49 20.49
C GLY B 236 -11.11 -17.81 21.75
N THR B 237 -10.22 -17.35 22.60
CA THR B 237 -10.65 -16.79 23.88
C THR B 237 -10.24 -15.34 24.07
N SER B 238 -9.39 -14.88 23.15
CA SER B 238 -8.61 -13.64 23.24
C SER B 238 -9.46 -12.45 23.59
N ARG B 239 -9.22 -11.92 24.80
CA ARG B 239 -9.75 -10.64 25.29
C ARG B 239 -11.27 -10.65 25.50
N LYS B 240 -11.85 -11.85 25.53
CA LYS B 240 -13.29 -11.98 25.47
C LYS B 240 -13.94 -11.54 26.77
N SER B 241 -15.23 -11.26 26.70
CA SER B 241 -15.89 -10.68 27.83
C SER B 241 -15.96 -11.60 29.07
N PHE B 242 -15.90 -12.92 28.90
CA PHE B 242 -15.83 -13.72 30.14
C PHE B 242 -14.55 -13.56 30.97
N ILE B 243 -13.48 -13.08 30.35
CA ILE B 243 -12.28 -12.69 31.08
C ILE B 243 -12.51 -11.38 31.86
N GLY B 244 -13.18 -10.43 31.20
CA GLY B 244 -13.66 -9.21 31.85
C GLY B 244 -14.48 -9.58 33.06
N HIS B 245 -15.39 -10.52 32.90
CA HIS B 245 -16.27 -10.88 33.96
C HIS B 245 -15.54 -11.45 35.20
N VAL B 246 -14.55 -12.30 34.98
CA VAL B 246 -13.79 -12.92 36.06
C VAL B 246 -12.83 -11.87 36.65
N LEU B 247 -12.04 -11.21 35.80
CA LEU B 247 -10.98 -10.30 36.30
C LEU B 247 -11.42 -8.89 36.64
N ASP B 248 -12.66 -8.56 36.27
CA ASP B 248 -13.15 -7.18 36.27
C ASP B 248 -12.18 -6.18 35.61
N LEU B 249 -11.77 -6.50 34.39
CA LEU B 249 -10.81 -5.70 33.63
C LEU B 249 -11.40 -5.39 32.23
N PRO B 250 -11.14 -4.17 31.67
CA PRO B 250 -11.64 -3.84 30.33
C PRO B 250 -10.77 -4.50 29.25
N VAL B 251 -11.22 -4.46 27.99
CA VAL B 251 -10.63 -5.22 26.87
C VAL B 251 -9.12 -5.06 26.63
N GLU B 252 -8.54 -3.93 27.02
CA GLU B 252 -7.10 -3.71 26.83
C GLU B 252 -6.29 -4.23 28.01
N GLU B 253 -6.99 -4.68 29.04
CA GLU B 253 -6.35 -5.17 30.26
C GLU B 253 -6.54 -6.71 30.44
N ARG B 254 -6.69 -7.45 29.33
CA ARG B 254 -7.03 -8.88 29.40
C ARG B 254 -6.01 -9.84 28.86
N LEU B 255 -4.73 -9.45 28.80
CA LEU B 255 -3.71 -10.29 28.26
C LEU B 255 -3.27 -11.42 29.19
N GLU B 256 -3.12 -11.16 30.49
CA GLU B 256 -2.89 -12.22 31.46
C GLU B 256 -4.09 -13.18 31.52
N GLY B 257 -5.31 -12.66 31.58
CA GLY B 257 -6.48 -13.52 31.50
C GLY B 257 -6.50 -14.41 30.23
N THR B 258 -6.25 -13.80 29.05
CA THR B 258 -6.17 -14.53 27.78
C THR B 258 -5.14 -15.63 27.88
N GLY B 259 -3.95 -15.32 28.37
CA GLY B 259 -2.92 -16.30 28.56
C GLY B 259 -3.34 -17.49 29.42
N ALA B 260 -3.97 -17.28 30.58
CA ALA B 260 -4.49 -18.42 31.34
C ALA B 260 -5.41 -19.30 30.47
N THR B 261 -6.29 -18.68 29.68
CA THR B 261 -7.22 -19.49 28.85
C THR B 261 -6.43 -20.26 27.76
N VAL B 262 -5.47 -19.63 27.12
CA VAL B 262 -4.57 -20.30 26.12
C VAL B 262 -3.79 -21.44 26.79
N CYS B 263 -3.34 -21.25 28.03
CA CYS B 263 -2.59 -22.32 28.67
C CYS B 263 -3.47 -23.51 28.97
N LEU B 264 -4.66 -23.22 29.53
CA LEU B 264 -5.53 -24.30 29.89
C LEU B 264 -5.99 -25.03 28.61
N GLY B 265 -6.30 -24.27 27.58
CA GLY B 265 -6.74 -24.84 26.32
C GLY B 265 -5.69 -25.75 25.68
N ILE B 266 -4.40 -25.44 25.79
CA ILE B 266 -3.35 -26.25 25.21
C ILE B 266 -3.16 -27.50 26.04
N GLU B 267 -3.23 -27.34 27.36
CA GLU B 267 -3.16 -28.48 28.22
C GLU B 267 -4.38 -29.41 28.00
N LYS B 268 -5.56 -28.87 27.72
CA LYS B 268 -6.67 -29.69 27.29
C LYS B 268 -6.55 -30.26 25.88
N GLY B 269 -5.47 -30.02 25.14
CA GLY B 269 -5.27 -30.66 23.85
C GLY B 269 -5.65 -29.90 22.59
N CYS B 270 -5.77 -28.57 22.63
CA CYS B 270 -6.16 -27.81 21.46
CA CYS B 270 -6.16 -27.87 21.42
C CYS B 270 -4.95 -27.70 20.48
N GLU B 271 -5.23 -27.62 19.19
CA GLU B 271 -4.14 -27.59 18.19
C GLU B 271 -3.82 -26.17 17.71
N PHE B 272 -4.82 -25.27 17.81
CA PHE B 272 -4.66 -23.88 17.45
C PHE B 272 -5.29 -23.00 18.51
N VAL B 273 -4.82 -21.76 18.56
CA VAL B 273 -5.45 -20.72 19.39
C VAL B 273 -5.43 -19.47 18.52
N ARG B 274 -6.55 -18.74 18.50
CA ARG B 274 -6.82 -17.57 17.71
C ARG B 274 -6.74 -16.36 18.64
N VAL B 275 -5.69 -15.53 18.45
CA VAL B 275 -5.30 -14.56 19.44
C VAL B 275 -5.00 -13.17 18.85
N HIS B 276 -5.16 -12.10 19.67
CA HIS B 276 -4.67 -10.78 19.28
C HIS B 276 -3.23 -10.57 19.67
N ASP B 277 -2.82 -11.00 20.87
CA ASP B 277 -1.45 -10.74 21.33
C ASP B 277 -0.53 -11.89 20.90
N VAL B 278 -0.12 -11.82 19.64
CA VAL B 278 0.61 -12.90 19.08
C VAL B 278 1.93 -13.14 19.81
N LYS B 279 2.73 -12.12 20.01
CA LYS B 279 4.08 -12.30 20.58
C LYS B 279 4.04 -13.01 21.96
N GLU B 280 3.12 -12.53 22.82
CA GLU B 280 2.93 -12.98 24.17
C GLU B 280 2.43 -14.41 24.24
N MET B 281 1.36 -14.70 23.49
CA MET B 281 0.72 -16.02 23.43
C MET B 281 1.59 -17.08 22.74
N SER B 282 2.42 -16.63 21.81
CA SER B 282 3.43 -17.48 21.22
C SER B 282 4.42 -18.00 22.21
N ARG B 283 4.97 -17.13 23.04
CA ARG B 283 5.88 -17.56 24.10
C ARG B 283 5.16 -18.45 25.10
N MET B 284 3.89 -18.13 25.39
CA MET B 284 3.18 -18.92 26.35
C MET B 284 2.96 -20.33 25.80
N ALA B 285 2.42 -20.40 24.59
CA ALA B 285 2.16 -21.63 23.86
C ALA B 285 3.41 -22.47 23.78
N LYS B 286 4.52 -21.83 23.51
CA LYS B 286 5.76 -22.52 23.37
C LYS B 286 6.29 -23.10 24.71
N MET B 287 6.15 -22.37 25.80
CA MET B 287 6.43 -22.92 27.10
C MET B 287 5.42 -24.06 27.47
N MET B 288 4.10 -23.91 27.24
CA MET B 288 3.18 -25.03 27.43
C MET B 288 3.60 -26.28 26.63
N ASP B 289 3.70 -26.18 25.29
CA ASP B 289 4.21 -27.31 24.44
C ASP B 289 5.39 -27.99 25.07
N ALA B 290 6.32 -27.22 25.60
CA ALA B 290 7.52 -27.89 26.04
C ALA B 290 7.19 -28.67 27.31
N MET B 291 6.29 -28.14 28.15
CA MET B 291 5.95 -28.82 29.42
C MET B 291 5.08 -30.05 29.15
N ILE B 292 4.00 -29.86 28.40
CA ILE B 292 3.08 -30.97 28.15
C ILE B 292 3.74 -32.01 27.22
N GLY B 293 4.89 -31.67 26.60
CA GLY B 293 5.66 -32.61 25.78
C GLY B 293 5.19 -32.72 24.34
N LYS B 294 4.48 -31.71 23.82
CA LYS B 294 4.03 -31.67 22.42
C LYS B 294 5.21 -31.55 21.44
#